data_3A35
#
_entry.id   3A35
#
_cell.length_a   46.288
_cell.length_b   46.582
_cell.length_c   161.053
_cell.angle_alpha   90.00
_cell.angle_beta   90.00
_cell.angle_gamma   90.00
#
_symmetry.space_group_name_H-M   'P 21 21 21'
#
loop_
_entity.id
_entity.type
_entity.pdbx_description
1 polymer 'Lumazine protein'
2 non-polymer RIBOFLAVIN
3 water water
#
_entity_poly.entity_id   1
_entity_poly.type   'polypeptide(L)'
_entity_poly.pdbx_seq_one_letter_code
;MFKGIVQGAGIIKKISKNDDTQRHGITFPKDILESVEKGTVMLVNGCSLTVVRISGDVVYFDIDQAINTTTFRELEVGNK
VNLEVRPEFGSLLGKGALTGNIKGVATVDNITEEEDRLKVYIKIPKDLIENILSEDHIGINGVSHSIEEISDDIIFINYP
KNLSITTNLGTLEKGSDVNVETLNVSNEWD
;
_entity_poly.pdbx_strand_id   A,B
#
loop_
_chem_comp.id
_chem_comp.type
_chem_comp.name
_chem_comp.formula
RBF non-polymer RIBOFLAVIN 'C17 H20 N4 O6'
#
# COMPACT_ATOMS: atom_id res chain seq x y z
N MET A 1 -2.94 2.19 -12.22
CA MET A 1 -4.31 1.96 -11.66
C MET A 1 -5.31 1.19 -12.55
N PHE A 2 -6.56 1.14 -12.11
CA PHE A 2 -7.52 0.06 -12.52
C PHE A 2 -8.84 0.67 -12.98
N LYS A 3 -9.58 -0.11 -13.75
CA LYS A 3 -10.84 0.46 -14.31
C LYS A 3 -12.00 0.36 -13.35
N GLY A 4 -11.89 -0.52 -12.36
CA GLY A 4 -13.12 -0.81 -11.69
C GLY A 4 -14.20 -1.54 -12.45
N ILE A 5 -13.73 -2.39 -13.33
CA ILE A 5 -14.50 -3.33 -14.08
C ILE A 5 -13.96 -4.70 -13.78
N VAL A 6 -14.82 -5.39 -13.06
CA VAL A 6 -14.44 -6.76 -12.60
C VAL A 6 -14.35 -7.74 -13.71
N GLN A 7 -13.27 -8.45 -13.80
CA GLN A 7 -13.01 -9.36 -14.91
C GLN A 7 -13.38 -10.77 -14.60
N GLY A 8 -13.56 -11.15 -13.33
CA GLY A 8 -14.06 -12.54 -13.01
C GLY A 8 -14.15 -12.65 -11.49
N ALA A 9 -14.51 -13.81 -11.08
CA ALA A 9 -14.78 -14.05 -9.66
C ALA A 9 -13.80 -15.14 -9.26
N GLY A 10 -13.19 -14.95 -8.08
CA GLY A 10 -12.44 -15.99 -7.43
C GLY A 10 -13.25 -16.62 -6.27
N ILE A 11 -12.93 -17.85 -5.91
CA ILE A 11 -13.61 -18.48 -4.80
C ILE A 11 -12.54 -18.80 -3.73
N ILE A 12 -12.75 -18.32 -2.51
CA ILE A 12 -11.71 -18.56 -1.47
C ILE A 12 -11.65 -20.07 -1.17
N LYS A 13 -10.47 -20.65 -1.28
CA LYS A 13 -10.27 -22.12 -1.11
C LYS A 13 -9.67 -22.39 0.27
N LYS A 14 -8.85 -21.50 0.79
CA LYS A 14 -8.08 -21.77 2.01
C LYS A 14 -7.85 -20.43 2.72
N ILE A 15 -7.92 -20.37 4.04
CA ILE A 15 -7.59 -19.19 4.82
C ILE A 15 -6.68 -19.65 5.97
N SER A 16 -5.54 -19.00 6.11
CA SER A 16 -4.61 -19.23 7.28
C SER A 16 -4.73 -18.09 8.19
N LYS A 17 -5.15 -18.37 9.45
CA LYS A 17 -5.32 -17.31 10.36
C LYS A 17 -4.07 -17.02 11.12
N ASN A 18 -3.41 -15.89 10.90
CA ASN A 18 -2.18 -15.58 11.55
C ASN A 18 -2.32 -14.38 12.37
N ASP A 19 -3.50 -14.17 12.91
CA ASP A 19 -3.78 -13.04 13.84
C ASP A 19 -3.72 -11.55 13.28
N ASP A 20 -2.55 -10.95 13.12
CA ASP A 20 -2.58 -9.66 12.43
C ASP A 20 -2.28 -9.84 10.93
N THR A 21 -2.35 -11.07 10.44
CA THR A 21 -2.20 -11.26 8.98
C THR A 21 -3.07 -12.46 8.71
N GLN A 22 -3.44 -12.60 7.44
CA GLN A 22 -4.05 -13.85 6.98
C GLN A 22 -3.53 -14.17 5.64
N ARG A 23 -3.42 -15.45 5.28
CA ARG A 23 -3.10 -15.84 3.91
C ARG A 23 -4.31 -16.49 3.31
N HIS A 24 -4.79 -15.93 2.20
CA HIS A 24 -5.92 -16.45 1.53
C HIS A 24 -5.49 -17.10 0.19
N GLY A 25 -5.92 -18.38 -0.05
CA GLY A 25 -5.71 -19.03 -1.30
C GLY A 25 -7.02 -18.96 -2.07
N ILE A 26 -7.00 -18.44 -3.25
CA ILE A 26 -8.24 -18.14 -4.00
C ILE A 26 -8.17 -18.92 -5.30
N THR A 27 -9.19 -19.75 -5.60
CA THR A 27 -9.30 -20.38 -6.92
C THR A 27 -9.69 -19.38 -7.95
N PHE A 28 -8.86 -19.31 -9.02
CA PHE A 28 -9.07 -18.36 -10.08
C PHE A 28 -9.62 -19.01 -11.32
N PRO A 29 -10.46 -18.28 -12.05
CA PRO A 29 -10.86 -18.81 -13.37
C PRO A 29 -9.67 -18.83 -14.29
N LYS A 30 -9.72 -19.71 -15.30
CA LYS A 30 -8.53 -19.93 -16.10
C LYS A 30 -8.01 -18.70 -16.84
N ASP A 31 -8.88 -17.87 -17.38
CA ASP A 31 -8.41 -16.66 -18.11
C ASP A 31 -7.68 -15.68 -17.23
N ILE A 32 -8.15 -15.51 -16.01
CA ILE A 32 -7.43 -14.61 -15.13
C ILE A 32 -6.21 -15.32 -14.60
N LEU A 33 -6.33 -16.58 -14.18
CA LEU A 33 -5.17 -17.32 -13.64
C LEU A 33 -3.92 -17.20 -14.55
N GLU A 34 -4.09 -17.42 -15.82
N GLU A 34 -4.20 -17.33 -15.85
CA GLU A 34 -2.88 -17.43 -16.68
CA GLU A 34 -3.18 -17.45 -16.96
C GLU A 34 -2.35 -15.98 -16.93
C GLU A 34 -2.46 -16.14 -17.12
N SER A 35 -3.15 -14.92 -16.64
N SER A 35 -2.97 -15.09 -16.46
CA SER A 35 -2.67 -13.56 -16.72
CA SER A 35 -2.53 -13.74 -16.67
C SER A 35 -1.93 -13.06 -15.45
C SER A 35 -1.76 -13.18 -15.49
N VAL A 36 -1.73 -13.93 -14.42
CA VAL A 36 -1.04 -13.43 -13.21
C VAL A 36 0.15 -14.32 -12.88
N GLU A 37 1.02 -13.74 -12.06
CA GLU A 37 2.21 -14.44 -11.68
C GLU A 37 2.59 -14.04 -10.24
N LYS A 38 3.59 -14.74 -9.64
CA LYS A 38 4.14 -14.19 -8.40
C LYS A 38 4.53 -12.80 -8.53
N GLY A 39 4.12 -11.95 -7.57
CA GLY A 39 4.42 -10.57 -7.60
C GLY A 39 3.47 -9.65 -8.32
N THR A 40 2.48 -10.22 -9.06
CA THR A 40 1.41 -9.43 -9.63
C THR A 40 0.67 -8.70 -8.55
N VAL A 41 0.42 -7.42 -8.78
CA VAL A 41 -0.35 -6.59 -7.87
C VAL A 41 -1.65 -6.36 -8.62
N MET A 42 -2.78 -6.80 -8.08
CA MET A 42 -4.10 -6.75 -8.73
C MET A 42 -5.13 -6.46 -7.71
N LEU A 43 -6.33 -6.16 -8.17
CA LEU A 43 -7.45 -5.91 -7.20
C LEU A 43 -8.25 -7.14 -6.86
N VAL A 44 -8.38 -7.35 -5.55
CA VAL A 44 -9.24 -8.43 -5.06
C VAL A 44 -10.29 -7.75 -4.17
N ASN A 45 -11.56 -7.84 -4.60
CA ASN A 45 -12.54 -7.00 -3.96
C ASN A 45 -12.15 -5.56 -3.85
N GLY A 46 -11.54 -5.04 -4.95
CA GLY A 46 -11.18 -3.61 -5.02
C GLY A 46 -9.95 -3.28 -4.25
N CYS A 47 -9.28 -4.24 -3.58
CA CYS A 47 -8.09 -3.90 -2.78
C CYS A 47 -6.83 -4.37 -3.53
N SER A 48 -5.84 -3.46 -3.61
CA SER A 48 -4.58 -3.88 -4.19
C SER A 48 -3.90 -4.92 -3.23
N LEU A 49 -3.56 -6.07 -3.80
CA LEU A 49 -2.83 -7.17 -3.11
C LEU A 49 -1.82 -7.75 -4.06
N THR A 50 -0.80 -8.33 -3.48
CA THR A 50 0.33 -8.91 -4.25
C THR A 50 0.27 -10.44 -4.24
N VAL A 51 0.38 -11.05 -5.40
CA VAL A 51 0.38 -12.53 -5.37
C VAL A 51 1.66 -13.06 -4.71
N VAL A 52 1.49 -13.97 -3.77
CA VAL A 52 2.65 -14.55 -3.07
C VAL A 52 2.99 -15.91 -3.68
N ARG A 53 2.05 -16.69 -4.21
CA ARG A 53 2.36 -18.07 -4.63
C ARG A 53 1.23 -18.44 -5.57
N ILE A 54 1.45 -19.26 -6.53
CA ILE A 54 0.40 -19.90 -7.33
C ILE A 54 0.61 -21.40 -7.40
N SER A 55 -0.44 -22.12 -7.08
CA SER A 55 -0.29 -23.60 -7.14
C SER A 55 -1.54 -24.06 -7.92
N GLY A 56 -1.33 -24.56 -9.16
CA GLY A 56 -2.48 -24.96 -9.91
C GLY A 56 -3.36 -23.75 -10.16
N ASP A 57 -4.64 -23.82 -9.81
CA ASP A 57 -5.51 -22.67 -10.07
C ASP A 57 -5.73 -21.86 -8.76
N VAL A 58 -4.91 -22.11 -7.70
CA VAL A 58 -5.06 -21.41 -6.43
C VAL A 58 -3.96 -20.32 -6.36
N VAL A 59 -4.44 -19.07 -6.20
CA VAL A 59 -3.56 -17.94 -6.12
C VAL A 59 -3.61 -17.42 -4.72
N TYR A 60 -2.45 -17.24 -4.11
CA TYR A 60 -2.34 -16.88 -2.73
C TYR A 60 -1.91 -15.40 -2.48
N PHE A 61 -2.53 -14.83 -1.45
CA PHE A 61 -2.24 -13.46 -1.05
C PHE A 61 -2.08 -13.41 0.43
N ASP A 62 -1.17 -12.58 0.92
CA ASP A 62 -1.18 -12.21 2.34
C ASP A 62 -1.88 -10.90 2.63
N ILE A 63 -2.78 -10.88 3.55
CA ILE A 63 -3.48 -9.68 3.89
C ILE A 63 -2.85 -9.29 5.24
N ASP A 64 -2.20 -8.13 5.24
CA ASP A 64 -1.44 -7.64 6.44
C ASP A 64 -1.71 -6.15 6.53
N GLN A 65 -1.06 -5.40 5.58
CA GLN A 65 -1.31 -3.98 5.60
C GLN A 65 -2.75 -3.60 5.50
N ALA A 66 -3.53 -4.44 4.72
CA ALA A 66 -4.90 -4.15 4.50
C ALA A 66 -5.89 -4.70 5.51
N ILE A 67 -5.34 -5.36 6.56
CA ILE A 67 -6.25 -6.23 7.41
C ILE A 67 -7.25 -5.44 8.25
N ASN A 68 -6.94 -4.19 8.57
CA ASN A 68 -7.79 -3.38 9.46
C ASN A 68 -8.77 -2.52 8.77
N THR A 69 -8.71 -2.43 7.38
CA THR A 69 -9.61 -1.47 6.67
C THR A 69 -10.35 -2.14 5.49
N THR A 70 -10.42 -3.48 5.57
CA THR A 70 -11.11 -4.28 4.50
C THR A 70 -11.89 -5.43 5.11
N THR A 71 -12.65 -6.14 4.27
CA THR A 71 -13.46 -7.27 4.74
C THR A 71 -12.72 -8.54 4.90
N PHE A 72 -11.46 -8.63 4.40
CA PHE A 72 -10.82 -9.95 4.33
C PHE A 72 -10.80 -10.76 5.66
N ARG A 73 -10.71 -10.04 6.76
N ARG A 73 -10.47 -10.12 6.77
CA ARG A 73 -10.48 -10.69 8.07
CA ARG A 73 -10.33 -10.91 8.01
C ARG A 73 -11.64 -11.58 8.33
C ARG A 73 -11.68 -11.50 8.46
N GLU A 74 -12.84 -11.17 7.86
CA GLU A 74 -14.08 -11.94 8.19
C GLU A 74 -14.58 -12.74 7.07
N LEU A 75 -13.88 -12.82 5.96
CA LEU A 75 -14.39 -13.70 4.93
C LEU A 75 -14.13 -15.19 5.31
N GLU A 76 -14.83 -16.03 4.55
CA GLU A 76 -14.88 -17.47 4.80
C GLU A 76 -14.56 -18.24 3.57
N VAL A 77 -14.12 -19.48 3.77
CA VAL A 77 -13.91 -20.38 2.70
C VAL A 77 -15.21 -20.51 1.87
N GLY A 78 -15.13 -20.52 0.57
CA GLY A 78 -16.25 -20.56 -0.37
C GLY A 78 -16.77 -19.19 -0.83
N ASN A 79 -16.43 -18.09 -0.08
CA ASN A 79 -16.91 -16.78 -0.52
C ASN A 79 -16.27 -16.42 -1.88
N LYS A 80 -17.01 -15.59 -2.61
CA LYS A 80 -16.67 -15.17 -3.97
C LYS A 80 -16.11 -13.76 -3.82
N VAL A 81 -14.94 -13.56 -4.48
CA VAL A 81 -14.23 -12.26 -4.47
C VAL A 81 -14.15 -11.73 -5.91
N ASN A 82 -14.21 -10.42 -6.08
CA ASN A 82 -14.04 -9.82 -7.43
C ASN A 82 -12.58 -9.75 -7.76
N LEU A 83 -12.24 -10.01 -9.01
CA LEU A 83 -10.83 -9.93 -9.49
C LEU A 83 -10.67 -8.93 -10.62
N GLU A 84 -9.61 -8.13 -10.60
CA GLU A 84 -9.30 -7.26 -11.76
C GLU A 84 -7.78 -7.12 -11.86
N VAL A 85 -7.25 -7.53 -13.02
CA VAL A 85 -5.81 -7.36 -13.35
C VAL A 85 -5.65 -6.03 -14.05
N ARG A 86 -4.57 -5.36 -13.82
CA ARG A 86 -4.34 -4.04 -14.41
C ARG A 86 -4.42 -4.07 -15.94
N PRO A 87 -4.90 -2.95 -16.55
CA PRO A 87 -4.90 -2.93 -18.00
C PRO A 87 -3.56 -3.22 -18.62
N GLU A 88 -3.64 -4.00 -19.69
CA GLU A 88 -2.48 -4.53 -20.39
C GLU A 88 -1.62 -3.45 -21.20
N PHE A 89 -2.34 -2.56 -21.88
CA PHE A 89 -1.72 -1.68 -22.91
C PHE A 89 -2.35 -0.35 -22.64
N GLY A 90 -2.71 -0.09 -21.36
CA GLY A 90 -3.03 1.27 -20.91
C GLY A 90 -4.52 1.52 -20.85
N SER A 91 -4.94 2.71 -20.36
CA SER A 91 -6.35 3.09 -20.39
C SER A 91 -6.50 4.58 -20.12
N LEU A 92 -7.60 5.19 -20.60
CA LEU A 92 -8.09 6.54 -20.21
C LEU A 92 -9.28 5.98 -19.51
N LEU A 93 -9.18 5.58 -18.26
CA LEU A 93 -9.77 6.32 -17.15
C LEU A 93 -9.79 7.81 -16.85
N GLY A 94 -11.06 8.17 -16.70
CA GLY A 94 -11.50 9.50 -16.56
C GLY A 94 -12.97 9.20 -16.57
N LYS A 95 -13.52 9.00 -15.36
CA LYS A 95 -12.71 8.56 -14.25
C LYS A 95 -13.39 8.09 -12.94
N GLY A 96 -14.01 6.96 -13.06
CA GLY A 96 -14.22 6.19 -11.86
C GLY A 96 -12.95 5.33 -11.77
N ALA A 97 -11.80 5.71 -12.28
CA ALA A 97 -10.61 4.86 -12.06
C ALA A 97 -10.38 4.55 -10.62
N LEU A 98 -9.94 3.33 -10.39
CA LEU A 98 -9.66 2.97 -8.93
C LEU A 98 -8.23 2.80 -8.70
N THR A 99 -7.77 3.20 -7.51
CA THR A 99 -6.40 2.99 -7.11
C THR A 99 -6.09 1.68 -6.38
N GLY A 100 -7.19 1.07 -5.85
CA GLY A 100 -6.93 -0.17 -5.02
C GLY A 100 -6.72 0.17 -3.56
N ASN A 101 -6.74 1.40 -3.13
CA ASN A 101 -6.55 1.81 -1.70
C ASN A 101 -7.94 1.89 -1.13
N ILE A 102 -8.41 0.81 -0.43
CA ILE A 102 -9.72 0.87 0.15
C ILE A 102 -9.70 1.82 1.40
N LYS A 103 -10.69 2.65 1.40
CA LYS A 103 -10.85 3.65 2.51
C LYS A 103 -11.40 3.01 3.73
N GLY A 104 -12.26 2.02 3.65
CA GLY A 104 -12.68 1.33 4.87
C GLY A 104 -13.87 0.47 4.50
N VAL A 105 -14.43 -0.24 5.48
CA VAL A 105 -15.55 -1.09 5.34
C VAL A 105 -16.85 -0.35 5.54
N ALA A 106 -17.80 -0.67 4.74
CA ALA A 106 -19.25 -0.22 4.97
C ALA A 106 -20.19 -1.37 4.91
N THR A 107 -21.53 -1.20 5.10
CA THR A 107 -22.39 -2.35 5.27
C THR A 107 -23.64 -2.12 4.46
N VAL A 108 -24.09 -3.10 3.76
CA VAL A 108 -25.31 -3.04 2.90
C VAL A 108 -26.51 -2.84 3.86
N ASP A 109 -27.27 -1.78 3.60
CA ASP A 109 -28.50 -1.47 4.38
C ASP A 109 -29.67 -2.24 3.73
N ASN A 110 -29.74 -2.36 2.41
CA ASN A 110 -30.88 -2.85 1.68
C ASN A 110 -30.44 -3.16 0.24
N ILE A 111 -31.08 -4.14 -0.38
CA ILE A 111 -30.94 -4.42 -1.82
C ILE A 111 -32.34 -4.56 -2.37
N THR A 112 -32.56 -4.06 -3.56
CA THR A 112 -33.80 -4.38 -4.23
C THR A 112 -33.44 -4.66 -5.67
N GLU A 113 -33.93 -5.78 -6.18
CA GLU A 113 -33.82 -6.07 -7.61
C GLU A 113 -35.11 -5.72 -8.33
N GLU A 114 -35.12 -4.62 -9.10
CA GLU A 114 -36.28 -4.25 -9.97
C GLU A 114 -35.96 -3.61 -11.29
N GLU A 115 -36.79 -3.88 -12.30
CA GLU A 115 -36.75 -3.09 -13.55
C GLU A 115 -35.40 -3.19 -14.21
N ASP A 116 -34.78 -4.39 -14.16
CA ASP A 116 -33.44 -4.67 -14.75
C ASP A 116 -32.26 -3.98 -14.05
N ARG A 117 -32.52 -3.54 -12.83
CA ARG A 117 -31.52 -2.79 -12.01
C ARG A 117 -31.31 -3.61 -10.70
N LEU A 118 -30.07 -3.54 -10.16
CA LEU A 118 -29.71 -4.03 -8.82
C LEU A 118 -29.48 -2.70 -8.03
N LYS A 119 -30.43 -2.36 -7.15
CA LYS A 119 -30.39 -1.16 -6.37
C LYS A 119 -29.77 -1.53 -5.04
N VAL A 120 -28.61 -0.95 -4.71
CA VAL A 120 -27.85 -1.29 -3.51
C VAL A 120 -27.75 -0.03 -2.70
N TYR A 121 -28.06 -0.14 -1.42
CA TYR A 121 -28.03 0.93 -0.41
C TYR A 121 -27.03 0.59 0.66
N ILE A 122 -26.05 1.46 0.82
CA ILE A 122 -24.91 1.12 1.64
C ILE A 122 -24.81 2.15 2.75
N LYS A 123 -24.77 1.73 4.00
CA LYS A 123 -24.64 2.66 5.11
C LYS A 123 -23.18 2.93 5.41
N ILE A 124 -22.78 4.20 5.46
CA ILE A 124 -21.39 4.60 5.59
C ILE A 124 -21.14 4.85 7.08
N PRO A 125 -20.22 4.16 7.76
CA PRO A 125 -20.06 4.46 9.19
C PRO A 125 -19.39 5.82 9.35
N LYS A 126 -19.49 6.40 10.58
CA LYS A 126 -19.16 7.83 10.73
C LYS A 126 -17.64 8.04 10.55
N ASP A 127 -16.85 7.07 10.95
CA ASP A 127 -15.44 7.26 10.79
C ASP A 127 -14.85 6.71 9.52
N LEU A 128 -15.67 6.69 8.48
CA LEU A 128 -15.20 6.67 7.11
C LEU A 128 -15.72 8.00 6.55
N ILE A 129 -14.87 8.98 6.29
CA ILE A 129 -13.42 9.00 6.48
C ILE A 129 -13.23 10.35 5.74
N GLU A 130 -13.63 10.40 4.47
CA GLU A 130 -13.93 11.67 3.77
C GLU A 130 -14.81 11.47 2.53
N ASN A 131 -15.02 12.58 1.82
CA ASN A 131 -15.99 12.75 0.70
C ASN A 131 -17.46 12.98 1.18
N ILE A 132 -18.45 12.16 0.82
CA ILE A 132 -18.56 11.30 -0.35
C ILE A 132 -19.54 12.12 -1.20
N LEU A 133 -19.31 12.17 -2.52
CA LEU A 133 -20.14 13.10 -3.28
C LEU A 133 -21.00 12.39 -4.30
N SER A 134 -22.28 12.77 -4.40
CA SER A 134 -23.21 12.10 -5.33
C SER A 134 -22.88 12.32 -6.80
N GLU A 135 -22.04 13.30 -7.11
CA GLU A 135 -21.58 13.50 -8.48
C GLU A 135 -20.41 12.56 -8.80
N ASP A 136 -19.83 11.94 -7.76
CA ASP A 136 -18.64 11.18 -7.99
C ASP A 136 -19.01 9.69 -8.15
N HIS A 137 -18.07 8.95 -8.67
CA HIS A 137 -18.15 7.53 -8.73
C HIS A 137 -17.67 7.07 -7.34
N ILE A 138 -17.93 5.79 -7.10
CA ILE A 138 -17.44 5.16 -5.86
C ILE A 138 -17.13 3.72 -6.31
N GLY A 139 -16.12 3.16 -5.63
CA GLY A 139 -15.80 1.70 -5.76
C GLY A 139 -16.39 0.91 -4.59
N ILE A 140 -17.12 -0.13 -4.96
CA ILE A 140 -17.71 -1.06 -3.94
C ILE A 140 -17.18 -2.44 -4.38
N ASN A 141 -16.35 -3.04 -3.50
CA ASN A 141 -15.70 -4.28 -3.88
C ASN A 141 -15.03 -4.33 -5.26
N GLY A 142 -14.51 -3.15 -5.63
CA GLY A 142 -13.81 -3.12 -6.90
C GLY A 142 -14.68 -2.81 -8.09
N VAL A 143 -16.00 -2.63 -7.91
CA VAL A 143 -16.87 -2.18 -9.02
C VAL A 143 -17.03 -0.67 -8.88
N SER A 144 -16.51 -0.01 -9.92
CA SER A 144 -16.65 1.47 -9.99
C SER A 144 -18.00 1.93 -10.70
N HIS A 145 -18.78 2.79 -10.04
CA HIS A 145 -20.06 3.21 -10.66
C HIS A 145 -20.39 4.52 -9.99
N SER A 146 -21.16 5.34 -10.76
CA SER A 146 -21.70 6.58 -10.18
C SER A 146 -22.62 6.33 -9.00
N ILE A 147 -22.56 7.23 -8.00
CA ILE A 147 -23.52 7.29 -6.89
C ILE A 147 -24.84 7.82 -7.46
N GLU A 148 -26.01 7.27 -7.08
CA GLU A 148 -27.30 7.76 -7.53
C GLU A 148 -27.79 8.89 -6.66
N GLU A 149 -27.82 8.64 -5.36
CA GLU A 149 -28.30 9.56 -4.34
C GLU A 149 -27.65 9.26 -2.98
N ILE A 150 -27.52 10.28 -2.11
CA ILE A 150 -27.08 10.10 -0.74
C ILE A 150 -28.17 10.65 0.16
N SER A 151 -28.67 9.85 1.07
CA SER A 151 -29.65 10.31 2.07
C SER A 151 -29.12 9.94 3.45
N ASP A 152 -28.90 10.93 4.31
CA ASP A 152 -28.29 10.77 5.65
C ASP A 152 -26.95 10.04 5.39
N ASP A 153 -26.79 8.87 5.98
CA ASP A 153 -25.49 8.22 5.83
C ASP A 153 -25.56 7.06 4.83
N ILE A 154 -26.59 7.01 3.97
CA ILE A 154 -26.81 5.91 3.08
C ILE A 154 -26.62 6.32 1.66
N ILE A 155 -25.72 5.60 1.00
CA ILE A 155 -25.49 5.87 -0.44
C ILE A 155 -26.26 4.87 -1.29
N PHE A 156 -26.96 5.30 -2.33
CA PHE A 156 -27.72 4.50 -3.20
C PHE A 156 -27.01 4.41 -4.52
N ILE A 157 -26.65 3.20 -4.93
CA ILE A 157 -26.05 2.92 -6.19
C ILE A 157 -26.95 2.04 -7.01
N ASN A 158 -27.22 2.47 -8.26
CA ASN A 158 -28.21 1.77 -9.04
C ASN A 158 -27.44 1.13 -10.21
N TYR A 159 -27.16 -0.16 -10.01
CA TYR A 159 -26.36 -0.92 -10.95
C TYR A 159 -27.23 -1.58 -12.04
N PRO A 160 -26.68 -1.79 -13.23
CA PRO A 160 -27.41 -2.64 -14.17
C PRO A 160 -27.40 -4.05 -13.57
N LYS A 161 -28.54 -4.79 -13.68
CA LYS A 161 -28.67 -6.11 -13.02
C LYS A 161 -27.64 -7.16 -13.49
N ASN A 162 -27.08 -7.05 -14.69
CA ASN A 162 -26.16 -8.09 -15.09
C ASN A 162 -24.84 -8.06 -14.33
N LEU A 163 -24.54 -6.95 -13.65
CA LEU A 163 -23.41 -7.00 -12.67
C LEU A 163 -23.74 -7.87 -11.43
N SER A 164 -25.00 -8.27 -11.30
CA SER A 164 -25.37 -9.28 -10.33
C SER A 164 -24.68 -10.56 -10.71
N ILE A 165 -24.38 -10.69 -12.01
CA ILE A 165 -23.91 -11.97 -12.61
C ILE A 165 -22.44 -12.05 -12.60
N THR A 166 -21.79 -10.96 -13.06
CA THR A 166 -20.39 -11.00 -13.35
C THR A 166 -19.52 -10.51 -12.13
N THR A 167 -20.18 -10.15 -11.03
CA THR A 167 -19.36 -9.75 -9.81
C THR A 167 -20.05 -10.29 -8.60
N ASN A 168 -19.49 -10.16 -7.42
CA ASN A 168 -20.17 -10.65 -6.24
C ASN A 168 -21.25 -9.71 -5.71
N LEU A 169 -21.57 -8.64 -6.48
CA LEU A 169 -22.69 -7.76 -6.09
C LEU A 169 -23.97 -8.56 -5.89
N GLY A 170 -24.14 -9.66 -6.61
CA GLY A 170 -25.34 -10.44 -6.52
C GLY A 170 -25.34 -11.40 -5.33
N THR A 171 -24.29 -11.41 -4.52
CA THR A 171 -24.24 -12.22 -3.23
C THR A 171 -24.58 -11.23 -2.03
N LEU A 172 -24.61 -9.92 -2.25
CA LEU A 172 -24.79 -8.98 -1.19
C LEU A 172 -26.23 -9.18 -0.68
N GLU A 173 -26.38 -9.02 0.63
CA GLU A 173 -27.73 -8.92 1.29
C GLU A 173 -27.63 -7.86 2.35
N LYS A 174 -28.75 -7.49 3.02
CA LYS A 174 -28.67 -6.65 4.13
C LYS A 174 -27.62 -7.18 5.14
N GLY A 175 -26.80 -6.31 5.70
CA GLY A 175 -25.75 -6.69 6.60
C GLY A 175 -24.41 -7.16 6.01
N SER A 176 -24.39 -7.32 4.67
CA SER A 176 -23.10 -7.65 4.01
C SER A 176 -22.14 -6.49 4.18
N ASP A 177 -20.93 -6.78 4.63
CA ASP A 177 -19.82 -5.83 4.60
C ASP A 177 -19.17 -5.79 3.24
N VAL A 178 -18.75 -4.56 2.87
CA VAL A 178 -18.11 -4.27 1.54
C VAL A 178 -16.92 -3.36 1.73
N ASN A 179 -15.97 -3.50 0.80
CA ASN A 179 -14.81 -2.57 0.72
C ASN A 179 -15.20 -1.35 -0.08
N VAL A 180 -15.00 -0.17 0.52
CA VAL A 180 -15.33 1.11 -0.24
C VAL A 180 -14.07 1.85 -0.59
N GLU A 181 -14.02 2.27 -1.87
CA GLU A 181 -12.93 3.15 -2.32
C GLU A 181 -13.65 4.43 -2.75
N THR A 182 -13.39 5.52 -2.02
CA THR A 182 -13.90 6.83 -2.44
C THR A 182 -12.87 7.47 -3.40
N LEU A 183 -13.43 8.35 -4.27
CA LEU A 183 -12.83 8.79 -5.53
C LEU A 183 -13.12 10.24 -5.75
N ASN A 184 -12.71 11.11 -4.82
CA ASN A 184 -11.67 10.87 -3.77
C ASN A 184 -11.58 12.04 -2.79
N MET B 1 12.99 -7.85 11.84
CA MET B 1 13.43 -7.41 10.48
C MET B 1 12.25 -7.11 9.54
N PHE B 2 12.53 -6.41 8.45
CA PHE B 2 11.55 -5.76 7.60
C PHE B 2 11.86 -6.15 6.14
N LYS B 3 10.86 -6.06 5.29
CA LYS B 3 11.03 -6.36 3.85
C LYS B 3 11.77 -5.30 3.07
N GLY B 4 11.61 -4.06 3.45
CA GLY B 4 12.17 -2.97 2.67
C GLY B 4 11.33 -2.72 1.45
N ILE B 5 10.04 -2.97 1.67
CA ILE B 5 9.01 -2.55 0.76
C ILE B 5 8.21 -1.49 1.48
N VAL B 6 8.34 -0.28 1.02
CA VAL B 6 7.68 0.87 1.64
C VAL B 6 6.18 0.76 1.49
N GLN B 7 5.46 0.94 2.57
CA GLN B 7 4.01 0.76 2.54
C GLN B 7 3.27 2.02 2.30
N GLY B 8 3.82 3.15 2.59
CA GLY B 8 3.22 4.44 2.35
C GLY B 8 4.08 5.60 2.75
N ALA B 9 3.69 6.83 2.45
CA ALA B 9 4.48 8.00 2.71
C ALA B 9 3.80 8.71 3.83
N GLY B 10 4.57 9.12 4.78
CA GLY B 10 4.12 10.01 5.79
C GLY B 10 4.59 11.46 5.52
N ILE B 11 3.93 12.51 6.03
CA ILE B 11 4.37 13.92 5.81
C ILE B 11 4.68 14.53 7.14
N ILE B 12 5.93 15.04 7.31
CA ILE B 12 6.35 15.68 8.55
C ILE B 12 5.41 16.84 8.84
N LYS B 13 4.72 16.87 9.97
N LYS B 13 4.65 16.79 9.94
CA LYS B 13 3.87 18.00 10.30
CA LYS B 13 3.75 17.87 10.37
C LYS B 13 4.53 18.90 11.34
C LYS B 13 4.39 18.81 11.42
N LYS B 14 5.33 18.30 12.20
CA LYS B 14 5.96 19.10 13.29
C LYS B 14 7.33 18.53 13.64
N ILE B 15 8.26 19.46 13.98
CA ILE B 15 9.58 19.09 14.42
C ILE B 15 9.88 19.94 15.69
N SER B 16 10.11 19.29 16.84
CA SER B 16 10.48 20.03 18.09
C SER B 16 11.85 19.68 18.48
N LYS B 17 12.72 20.71 18.60
CA LYS B 17 14.15 20.50 18.67
C LYS B 17 14.55 20.93 20.07
N ASN B 18 15.18 20.04 20.78
CA ASN B 18 15.55 20.26 22.19
C ASN B 18 15.90 18.90 22.77
N ASP B 19 17.18 18.57 22.74
CA ASP B 19 18.25 19.51 22.78
C ASP B 19 19.08 19.18 21.57
N ASP B 20 19.91 18.14 21.74
CA ASP B 20 20.42 17.30 20.68
C ASP B 20 19.41 16.15 20.43
N THR B 21 18.13 16.45 20.54
CA THR B 21 17.04 15.46 20.39
C THR B 21 16.03 16.20 19.54
N GLN B 22 15.26 15.43 18.74
CA GLN B 22 14.19 16.11 18.04
C GLN B 22 13.00 15.20 18.11
N ARG B 23 11.82 15.78 18.29
CA ARG B 23 10.59 14.97 18.17
C ARG B 23 9.92 15.35 16.88
N HIS B 24 9.71 14.30 16.03
CA HIS B 24 8.97 14.56 14.71
C HIS B 24 7.56 13.97 14.77
N GLY B 25 6.56 14.80 14.46
CA GLY B 25 5.23 14.35 14.32
C GLY B 25 4.92 14.21 12.85
N ILE B 26 4.48 13.02 12.50
CA ILE B 26 4.28 12.65 11.05
C ILE B 26 2.87 12.24 10.76
N THR B 27 2.26 12.87 9.75
CA THR B 27 0.87 12.47 9.36
C THR B 27 0.93 11.11 8.63
N PHE B 28 0.20 10.08 9.03
CA PHE B 28 0.21 8.74 8.47
C PHE B 28 -1.08 8.48 7.66
N PRO B 29 -0.91 7.74 6.60
CA PRO B 29 -2.11 7.24 5.93
C PRO B 29 -2.88 6.31 6.88
N LYS B 30 -4.17 6.11 6.63
CA LYS B 30 -5.08 5.42 7.52
C LYS B 30 -4.74 3.97 7.83
N ASP B 31 -4.48 3.24 6.72
CA ASP B 31 -4.07 1.87 6.88
C ASP B 31 -2.83 1.72 7.75
N ILE B 32 -1.77 2.52 7.51
CA ILE B 32 -0.57 2.29 8.29
C ILE B 32 -0.90 2.80 9.74
N LEU B 33 -1.67 3.87 9.85
CA LEU B 33 -2.10 4.41 11.21
C LEU B 33 -2.71 3.27 12.01
N GLU B 34 -3.64 2.51 11.42
CA GLU B 34 -4.30 1.41 12.15
C GLU B 34 -3.45 0.23 12.52
N SER B 35 -2.27 0.09 11.89
CA SER B 35 -1.37 -0.97 12.18
C SER B 35 -0.37 -0.63 13.29
N VAL B 36 -0.41 0.62 13.80
CA VAL B 36 0.60 0.95 14.86
C VAL B 36 -0.12 1.45 16.10
N GLU B 37 0.69 1.45 17.12
CA GLU B 37 0.23 1.94 18.46
C GLU B 37 1.46 2.52 19.17
N LYS B 38 1.23 3.10 20.37
CA LYS B 38 2.40 3.53 21.13
C LYS B 38 3.26 2.30 21.38
N GLY B 39 4.59 2.48 21.25
CA GLY B 39 5.49 1.38 21.42
C GLY B 39 5.85 0.54 20.18
N THR B 40 5.06 0.73 19.11
CA THR B 40 5.42 0.07 17.85
C THR B 40 6.84 0.55 17.37
N VAL B 41 7.59 -0.44 16.95
CA VAL B 41 8.89 -0.16 16.38
C VAL B 41 8.77 -0.43 14.87
N MET B 42 8.98 0.62 14.09
CA MET B 42 8.75 0.50 12.64
C MET B 42 9.86 1.24 11.94
N LEU B 43 9.86 1.21 10.59
CA LEU B 43 10.84 1.95 9.77
C LEU B 43 10.30 3.19 9.28
N VAL B 44 11.04 4.29 9.52
CA VAL B 44 10.79 5.64 9.00
C VAL B 44 12.05 6.02 8.15
N ASN B 45 11.90 6.14 6.83
CA ASN B 45 13.08 6.34 5.95
C ASN B 45 14.09 5.20 6.23
N GLY B 46 13.63 3.98 6.50
CA GLY B 46 14.55 2.86 6.67
C GLY B 46 15.11 2.79 8.09
N CYS B 47 14.82 3.74 8.95
CA CYS B 47 15.51 3.75 10.34
C CYS B 47 14.48 3.17 11.37
N SER B 48 14.85 2.18 12.21
CA SER B 48 13.98 1.72 13.29
C SER B 48 13.79 2.76 14.30
N LEU B 49 12.49 3.16 14.53
CA LEU B 49 12.16 4.17 15.50
C LEU B 49 10.90 3.65 16.23
N THR B 50 10.73 4.14 17.46
CA THR B 50 9.59 3.66 18.30
C THR B 50 8.51 4.74 18.46
N VAL B 51 7.25 4.40 18.17
CA VAL B 51 6.23 5.40 18.30
C VAL B 51 6.04 5.84 19.80
N VAL B 52 6.16 7.12 20.06
CA VAL B 52 6.06 7.56 21.46
C VAL B 52 4.70 8.13 21.74
N ARG B 53 3.92 8.56 20.74
CA ARG B 53 2.63 9.18 20.99
C ARG B 53 1.87 9.18 19.68
N ILE B 54 0.55 9.20 19.72
CA ILE B 54 -0.31 9.29 18.50
C ILE B 54 -1.40 10.26 18.83
N SER B 55 -1.69 11.21 17.99
CA SER B 55 -2.91 12.05 18.18
C SER B 55 -3.57 12.25 16.86
N GLY B 56 -4.76 11.71 16.73
CA GLY B 56 -5.42 11.65 15.44
C GLY B 56 -4.51 10.86 14.45
N ASP B 57 -4.26 11.47 13.31
CA ASP B 57 -3.40 10.75 12.35
C ASP B 57 -1.94 11.19 12.40
N VAL B 58 -1.57 11.90 13.44
CA VAL B 58 -0.14 12.29 13.63
C VAL B 58 0.52 11.35 14.61
N VAL B 59 1.61 10.75 14.14
CA VAL B 59 2.38 9.75 14.84
C VAL B 59 3.75 10.38 15.22
N TYR B 60 4.13 10.32 16.52
CA TYR B 60 5.36 11.01 16.98
C TYR B 60 6.42 10.06 17.30
N PHE B 61 7.68 10.50 17.02
CA PHE B 61 8.93 9.73 17.26
C PHE B 61 9.94 10.68 17.88
N ASP B 62 10.66 10.14 18.86
CA ASP B 62 11.83 10.91 19.40
C ASP B 62 13.07 10.40 18.75
N ILE B 63 13.73 11.35 18.07
CA ILE B 63 14.99 11.02 17.39
C ILE B 63 16.15 11.47 18.33
N ASP B 64 16.80 10.46 18.82
CA ASP B 64 17.88 10.80 19.84
C ASP B 64 19.05 9.87 19.56
N GLN B 65 18.93 8.58 19.77
CA GLN B 65 19.95 7.66 19.41
C GLN B 65 20.39 7.82 17.94
N ALA B 66 19.40 7.98 17.09
CA ALA B 66 19.69 8.04 15.65
C ALA B 66 20.11 9.43 15.18
N ILE B 67 20.16 10.49 16.00
CA ILE B 67 20.31 11.83 15.49
C ILE B 67 21.55 12.09 14.64
N ASN B 68 22.72 11.49 15.00
CA ASN B 68 23.91 11.89 14.21
C ASN B 68 24.23 10.96 13.12
N THR B 69 23.40 9.92 12.89
CA THR B 69 23.68 8.95 11.90
C THR B 69 22.55 8.72 10.84
N THR B 70 21.62 9.68 10.83
CA THR B 70 20.48 9.59 9.85
C THR B 70 20.23 11.01 9.38
N THR B 71 19.22 11.16 8.53
CA THR B 71 18.95 12.41 7.88
C THR B 71 17.92 13.28 8.63
N PHE B 72 17.35 12.72 9.71
CA PHE B 72 16.27 13.38 10.38
C PHE B 72 16.54 14.82 10.79
N ARG B 73 17.78 15.01 11.23
CA ARG B 73 18.14 16.30 11.85
C ARG B 73 18.07 17.43 10.89
N GLU B 74 18.13 17.16 9.61
CA GLU B 74 18.09 18.20 8.61
C GLU B 74 16.78 18.17 7.75
N LEU B 75 15.80 17.28 8.03
CA LEU B 75 14.53 17.34 7.39
C LEU B 75 13.68 18.54 7.90
N GLU B 76 12.61 18.85 7.18
CA GLU B 76 11.81 20.02 7.43
C GLU B 76 10.33 19.63 7.37
N VAL B 77 9.50 20.36 8.08
CA VAL B 77 8.08 20.20 8.00
C VAL B 77 7.69 20.18 6.50
N GLY B 78 6.76 19.31 6.18
CA GLY B 78 6.24 19.10 4.82
C GLY B 78 7.02 18.02 4.01
N ASN B 79 8.17 17.61 4.52
CA ASN B 79 8.91 16.56 3.81
C ASN B 79 8.19 15.21 3.86
N LYS B 80 8.33 14.40 2.87
CA LYS B 80 7.69 13.09 2.78
C LYS B 80 8.71 12.07 3.27
N VAL B 81 8.25 11.14 4.12
CA VAL B 81 9.11 10.09 4.66
C VAL B 81 8.53 8.74 4.32
N ASN B 82 9.35 7.73 4.13
CA ASN B 82 8.83 6.40 3.84
C ASN B 82 8.48 5.62 5.11
N LEU B 83 7.39 4.87 5.08
CA LEU B 83 6.91 4.15 6.27
C LEU B 83 6.80 2.67 6.00
N GLU B 84 7.23 1.81 6.95
CA GLU B 84 6.98 0.37 6.84
C GLU B 84 6.81 -0.23 8.23
N VAL B 85 5.73 -0.98 8.39
CA VAL B 85 5.43 -1.63 9.62
C VAL B 85 5.57 -3.11 9.39
N ARG B 86 6.14 -3.82 10.32
CA ARG B 86 6.25 -5.33 10.14
C ARG B 86 5.15 -5.99 10.98
N PRO B 87 4.34 -6.94 10.43
CA PRO B 87 3.42 -7.66 11.36
C PRO B 87 4.22 -8.55 12.33
N GLU B 88 3.55 -8.98 13.38
CA GLU B 88 4.16 -9.71 14.52
C GLU B 88 5.20 -10.87 14.48
N PHE B 89 5.35 -11.70 13.43
CA PHE B 89 5.54 -11.32 11.98
C PHE B 89 4.54 -11.80 10.86
N GLY B 90 5.01 -12.13 9.65
CA GLY B 90 6.41 -12.39 9.25
C GLY B 90 6.26 -13.49 8.22
N SER B 91 7.34 -14.06 7.63
CA SER B 91 8.74 -13.58 7.71
C SER B 91 9.61 -13.86 6.44
N LEU B 92 9.21 -13.32 5.28
CA LEU B 92 10.02 -13.22 4.02
C LEU B 92 9.17 -12.44 2.98
N LEU B 93 9.65 -12.04 1.78
CA LEU B 93 10.98 -12.27 1.20
C LEU B 93 12.16 -11.44 1.82
N GLY B 94 13.34 -12.07 1.80
CA GLY B 94 14.44 -11.69 2.70
C GLY B 94 15.90 -11.66 2.28
N LYS B 95 16.19 -11.59 0.98
CA LYS B 95 17.56 -11.25 0.55
C LYS B 95 17.74 -9.72 0.72
N GLY B 96 16.69 -8.98 0.32
CA GLY B 96 16.69 -7.49 0.48
C GLY B 96 16.27 -7.06 1.88
N ALA B 97 16.09 -8.02 2.81
CA ALA B 97 15.52 -7.65 4.10
C ALA B 97 16.36 -6.63 4.85
N LEU B 98 15.70 -5.74 5.55
CA LEU B 98 16.36 -4.65 6.26
C LEU B 98 16.32 -4.83 7.77
N THR B 99 17.38 -4.39 8.42
CA THR B 99 17.31 -4.39 9.89
C THR B 99 16.71 -3.14 10.54
N GLY B 100 16.82 -2.04 9.81
CA GLY B 100 16.46 -0.73 10.32
C GLY B 100 17.59 -0.03 11.07
N ASN B 101 18.75 -0.72 11.07
CA ASN B 101 19.98 -0.01 11.50
C ASN B 101 20.67 0.74 10.35
N ILE B 102 20.51 2.06 10.33
CA ILE B 102 21.10 2.84 9.23
C ILE B 102 22.60 2.91 9.41
N LYS B 103 23.29 2.64 8.32
CA LYS B 103 24.83 2.57 8.37
C LYS B 103 25.48 3.79 7.99
N GLY B 104 24.82 4.72 7.34
CA GLY B 104 25.40 5.98 6.90
C GLY B 104 24.41 6.89 6.29
N VAL B 105 24.85 8.08 6.00
CA VAL B 105 24.04 9.10 5.31
C VAL B 105 24.75 9.30 4.04
N ALA B 106 24.06 9.06 2.89
CA ALA B 106 24.64 9.13 1.53
C ALA B 106 23.93 10.34 0.87
N THR B 107 24.48 10.74 -0.26
CA THR B 107 23.99 11.93 -0.98
C THR B 107 23.76 11.59 -2.43
N VAL B 108 22.58 12.00 -2.94
CA VAL B 108 22.21 11.75 -4.36
C VAL B 108 23.18 12.52 -5.26
N ASP B 109 23.85 11.85 -6.14
CA ASP B 109 24.76 12.44 -7.14
C ASP B 109 23.97 12.88 -8.35
N ASN B 110 22.98 12.14 -8.79
CA ASN B 110 22.21 12.43 -10.01
C ASN B 110 20.90 11.65 -9.95
N ILE B 111 19.81 12.28 -10.40
CA ILE B 111 18.51 11.52 -10.43
C ILE B 111 17.84 11.97 -11.73
N THR B 112 17.58 10.99 -12.54
CA THR B 112 16.97 11.25 -13.90
C THR B 112 15.68 10.53 -13.95
N GLU B 113 14.63 11.31 -14.19
CA GLU B 113 13.28 10.77 -14.32
C GLU B 113 13.02 10.48 -15.78
N GLU B 114 12.58 9.29 -16.08
CA GLU B 114 12.15 8.92 -17.47
C GLU B 114 10.66 8.60 -17.38
N GLU B 115 10.07 8.17 -18.50
CA GLU B 115 8.65 7.85 -18.47
C GLU B 115 8.28 6.76 -17.46
N ASP B 116 9.08 5.72 -17.41
CA ASP B 116 8.63 4.64 -16.48
C ASP B 116 9.67 4.32 -15.45
N ARG B 117 10.87 4.93 -15.50
CA ARG B 117 11.97 4.62 -14.56
C ARG B 117 12.44 5.87 -13.85
N LEU B 118 13.01 5.68 -12.69
CA LEU B 118 13.73 6.72 -11.98
C LEU B 118 15.16 6.23 -11.76
N LYS B 119 16.18 6.87 -12.38
CA LYS B 119 17.55 6.32 -12.41
C LYS B 119 18.28 7.17 -11.40
N VAL B 120 18.79 6.55 -10.31
CA VAL B 120 19.30 7.34 -9.15
C VAL B 120 20.72 6.90 -8.91
N TYR B 121 21.61 7.90 -8.86
CA TYR B 121 23.05 7.67 -8.62
C TYR B 121 23.28 8.32 -7.27
N ILE B 122 23.93 7.50 -6.39
CA ILE B 122 24.06 7.82 -4.95
C ILE B 122 25.58 7.70 -4.56
N LYS B 123 26.04 8.82 -3.99
CA LYS B 123 27.44 8.77 -3.44
C LYS B 123 27.35 8.19 -2.02
N ILE B 124 27.98 7.02 -1.96
CA ILE B 124 28.03 6.20 -0.72
C ILE B 124 29.28 6.63 0.17
N PRO B 125 29.03 6.77 1.47
CA PRO B 125 30.20 7.11 2.40
C PRO B 125 31.34 6.17 2.14
N LYS B 126 32.58 6.76 2.25
CA LYS B 126 33.77 5.92 2.02
C LYS B 126 33.90 4.76 2.95
N ASP B 127 33.43 4.91 4.17
CA ASP B 127 33.48 3.80 5.16
C ASP B 127 32.56 2.58 4.83
N LEU B 128 31.68 2.69 3.78
CA LEU B 128 30.85 1.52 3.40
C LEU B 128 31.15 0.97 2.03
N ILE B 129 31.90 1.64 1.18
CA ILE B 129 32.02 1.18 -0.17
C ILE B 129 32.80 -0.14 -0.43
N GLU B 130 33.75 -0.43 0.47
CA GLU B 130 34.56 -1.64 0.19
C GLU B 130 33.87 -2.97 0.17
N ASN B 131 32.67 -3.07 0.83
CA ASN B 131 31.85 -4.28 0.90
C ASN B 131 30.61 -4.15 0.01
N ILE B 132 30.59 -3.27 -0.96
CA ILE B 132 29.38 -3.24 -1.82
C ILE B 132 29.79 -3.66 -3.22
N LEU B 133 29.03 -4.53 -3.87
CA LEU B 133 29.31 -4.84 -5.29
C LEU B 133 27.97 -4.66 -6.03
N SER B 134 28.14 -4.43 -7.32
CA SER B 134 26.93 -4.54 -8.21
C SER B 134 26.14 -5.80 -7.92
N GLU B 135 24.81 -5.67 -8.12
CA GLU B 135 23.82 -6.67 -7.83
C GLU B 135 23.57 -6.95 -6.37
N ASP B 136 24.39 -6.41 -5.43
CA ASP B 136 23.98 -6.44 -4.01
C ASP B 136 22.65 -5.68 -3.89
N HIS B 137 21.88 -6.04 -2.89
CA HIS B 137 20.76 -5.27 -2.41
C HIS B 137 21.23 -4.22 -1.46
N ILE B 138 20.52 -3.07 -1.43
CA ILE B 138 20.87 -2.04 -0.54
C ILE B 138 19.56 -1.33 -0.16
N GLY B 139 19.50 -0.90 1.08
CA GLY B 139 18.38 -0.05 1.44
C GLY B 139 18.66 1.42 1.37
N ILE B 140 17.81 2.22 0.70
CA ILE B 140 17.93 3.67 0.55
C ILE B 140 16.58 4.24 1.10
N ASN B 141 16.61 4.93 2.23
CA ASN B 141 15.39 5.38 2.85
C ASN B 141 14.39 4.25 3.01
N GLY B 142 14.78 3.02 3.28
CA GLY B 142 13.86 1.90 3.53
C GLY B 142 13.34 1.26 2.32
N VAL B 143 13.81 1.68 1.11
CA VAL B 143 13.49 0.89 -0.12
C VAL B 143 14.65 -0.03 -0.41
N SER B 144 14.41 -1.30 -0.40
CA SER B 144 15.48 -2.30 -0.69
C SER B 144 15.40 -2.60 -2.17
N HIS B 145 16.52 -2.49 -2.88
CA HIS B 145 16.56 -2.83 -4.31
C HIS B 145 18.03 -3.19 -4.62
N SER B 146 18.16 -3.83 -5.72
CA SER B 146 19.51 -4.23 -6.19
C SER B 146 20.23 -3.05 -6.79
N ILE B 147 21.53 -3.06 -6.70
CA ILE B 147 22.34 -2.08 -7.35
C ILE B 147 22.78 -2.49 -8.77
N GLU B 148 22.52 -1.62 -9.74
CA GLU B 148 22.82 -2.01 -11.11
C GLU B 148 24.33 -1.82 -11.43
N GLU B 149 24.94 -0.80 -10.85
CA GLU B 149 26.35 -0.57 -11.14
C GLU B 149 27.00 0.13 -10.01
N ILE B 150 28.31 -0.08 -9.84
CA ILE B 150 29.06 0.80 -9.02
C ILE B 150 30.36 1.36 -9.70
N SER B 151 30.57 2.64 -9.50
CA SER B 151 31.78 3.34 -10.07
C SER B 151 32.36 4.11 -8.95
N ASP B 152 33.41 3.55 -8.37
CA ASP B 152 34.11 4.21 -7.29
C ASP B 152 33.11 4.34 -6.14
N ASP B 153 32.85 5.54 -5.67
CA ASP B 153 31.90 5.65 -4.55
C ASP B 153 30.43 5.93 -5.02
N ILE B 154 30.20 5.81 -6.31
CA ILE B 154 28.87 6.13 -6.80
C ILE B 154 28.13 4.88 -7.25
N ILE B 155 26.96 4.59 -6.57
CA ILE B 155 26.15 3.49 -7.02
C ILE B 155 24.99 3.90 -7.96
N PHE B 156 24.56 3.01 -8.83
CA PHE B 156 23.43 3.29 -9.70
C PHE B 156 22.34 2.31 -9.39
N ILE B 157 21.14 2.86 -9.09
CA ILE B 157 19.96 2.04 -8.90
C ILE B 157 18.85 2.56 -9.86
N ASN B 158 18.24 1.58 -10.54
CA ASN B 158 17.23 1.89 -11.57
C ASN B 158 15.89 1.48 -11.02
N TYR B 159 15.16 2.43 -10.47
CA TYR B 159 13.86 2.14 -9.88
C TYR B 159 12.69 2.22 -10.84
N PRO B 160 11.57 1.46 -10.62
CA PRO B 160 10.33 1.73 -11.40
C PRO B 160 9.76 3.03 -10.93
N LYS B 161 9.25 3.89 -11.83
CA LYS B 161 8.80 5.21 -11.35
C LYS B 161 7.50 5.15 -10.53
N ASN B 162 6.82 3.99 -10.59
CA ASN B 162 5.59 3.79 -9.82
C ASN B 162 5.86 3.80 -8.34
N LEU B 163 7.12 3.66 -7.93
CA LEU B 163 7.44 3.75 -6.53
C LEU B 163 7.29 5.18 -6.07
N SER B 164 7.07 6.11 -6.99
CA SER B 164 6.81 7.52 -6.58
C SER B 164 5.42 7.67 -5.76
N ILE B 165 4.57 6.65 -5.82
CA ILE B 165 3.22 6.94 -5.39
C ILE B 165 3.18 6.49 -3.96
N THR B 166 4.10 5.57 -3.61
CA THR B 166 4.01 4.94 -2.30
C THR B 166 5.23 5.34 -1.48
N THR B 167 6.08 6.17 -2.04
CA THR B 167 7.45 6.47 -1.42
C THR B 167 7.81 7.92 -1.59
N ASN B 168 9.02 8.28 -1.12
CA ASN B 168 9.54 9.64 -1.30
C ASN B 168 10.64 9.77 -2.38
N LEU B 169 10.89 8.73 -3.15
CA LEU B 169 12.09 8.77 -4.11
C LEU B 169 11.94 9.91 -5.19
N GLY B 170 10.71 10.16 -5.48
CA GLY B 170 10.27 11.23 -6.44
C GLY B 170 10.45 12.66 -5.96
N THR B 171 10.79 12.80 -4.69
CA THR B 171 10.99 14.06 -4.09
C THR B 171 12.52 14.32 -4.05
N LEU B 172 13.39 13.35 -4.41
CA LEU B 172 14.84 13.61 -4.27
C LEU B 172 15.42 14.46 -5.39
N GLU B 173 16.54 15.15 -5.15
CA GLU B 173 17.27 15.90 -6.19
C GLU B 173 18.75 15.69 -6.00
N LYS B 174 19.61 16.13 -6.90
CA LYS B 174 21.02 16.14 -6.60
C LYS B 174 21.28 16.88 -5.32
N GLY B 175 22.08 16.22 -4.45
CA GLY B 175 22.40 16.85 -3.10
C GLY B 175 21.47 16.48 -2.02
N SER B 176 20.42 15.74 -2.30
CA SER B 176 19.56 15.25 -1.29
C SER B 176 20.34 14.16 -0.47
N ASP B 177 20.27 14.26 0.86
CA ASP B 177 20.83 13.17 1.68
C ASP B 177 19.80 12.05 1.91
N VAL B 178 20.27 10.83 1.99
CA VAL B 178 19.39 9.71 2.24
C VAL B 178 19.97 8.78 3.33
N ASN B 179 19.20 7.94 3.93
CA ASN B 179 19.68 7.02 4.91
C ASN B 179 20.03 5.79 4.19
N VAL B 180 21.23 5.21 4.38
CA VAL B 180 21.61 4.02 3.66
C VAL B 180 21.74 2.81 4.65
N GLU B 181 21.18 1.67 4.31
CA GLU B 181 21.46 0.46 5.05
C GLU B 181 22.13 -0.52 4.10
N THR B 182 23.45 -0.74 4.28
CA THR B 182 24.09 -1.78 3.51
C THR B 182 23.84 -3.15 4.22
N LEU B 183 23.82 -4.19 3.40
CA LEU B 183 23.41 -5.52 3.83
C LEU B 183 24.66 -6.43 3.97
N ASN B 184 24.52 -7.49 4.79
CA ASN B 184 25.60 -8.51 4.94
C ASN B 184 26.96 -7.98 5.41
N1 RBF C . -1.95 -4.89 1.45
C2 RBF C . -1.91 -6.17 1.92
O2 RBF C . -2.48 -6.48 3.01
N3 RBF C . -1.33 -7.22 1.22
C4 RBF C . -0.73 -7.00 -0.05
O4 RBF C . -0.23 -7.96 -0.62
C4A RBF C . -0.71 -5.65 -0.45
N5 RBF C . 0.00 -5.36 -1.69
C5A RBF C . 0.00 -4.04 -2.11
C6 RBF C . 0.78 -3.75 -3.22
C7 RBF C . 0.80 -2.38 -3.61
C7M RBF C . 1.72 -2.06 -4.82
C8 RBF C . 0.09 -1.40 -2.98
C8M RBF C . 0.12 -0.03 -3.51
C9 RBF C . -0.74 -1.72 -1.85
C9A RBF C . -0.70 -3.02 -1.37
N10 RBF C . -1.42 -3.37 -0.17
C10 RBF C . -1.33 -4.67 0.27
C1' RBF C . -2.03 -2.42 0.65
C2' RBF C . -3.54 -2.35 0.56
O2' RBF C . -3.94 -2.15 -0.83
C3' RBF C . -4.07 -1.26 1.34
O3' RBF C . -3.57 -1.53 2.76
C4' RBF C . -5.59 -1.29 1.51
O4' RBF C . -6.22 -0.91 0.26
C5' RBF C . -6.09 -0.31 2.59
O5' RBF C . -7.48 -0.42 2.83
N1 RBF D . 16.64 5.65 17.55
C2 RBF D . 16.15 6.78 17.84
O2 RBF D . 16.63 7.88 17.76
N3 RBF D . 14.69 6.78 18.28
C4 RBF D . 14.04 5.61 18.45
O4 RBF D . 12.84 5.75 18.78
C4A RBF D . 14.65 4.43 18.12
N5 RBF D . 14.03 3.21 18.36
C5A RBF D . 14.71 2.07 18.16
C6 RBF D . 14.14 0.86 18.48
C7 RBF D . 14.71 -0.38 18.31
C7M RBF D . 14.04 -1.59 18.69
C8 RBF D . 16.02 -0.41 17.78
C8M RBF D . 16.84 -1.70 17.54
C9 RBF D . 16.64 0.80 17.42
C9A RBF D . 16.09 2.09 17.60
N10 RBF D . 16.64 3.34 17.41
C10 RBF D . 16.04 4.49 17.72
C1' RBF D . 18.07 3.29 16.92
C2' RBF D . 18.14 3.74 15.44
O2' RBF D . 17.47 2.75 14.70
C3' RBF D . 19.62 3.74 15.07
O3' RBF D . 20.20 4.82 15.89
C4' RBF D . 19.87 4.12 13.60
O4' RBF D . 19.36 3.10 12.75
C5' RBF D . 21.45 4.02 13.50
O5' RBF D . 21.65 4.84 12.45
#